data_1PO5
#
_entry.id   1PO5
#
_cell.length_a   57.090
_cell.length_b   114.200
_cell.length_c   133.950
_cell.angle_alpha   90.00
_cell.angle_beta   90.00
_cell.angle_gamma   90.00
#
_symmetry.space_group_name_H-M   'C 2 2 21'
#
loop_
_entity.id
_entity.type
_entity.pdbx_description
1 polymer 'Cytochrome P450 2B4'
2 non-polymer 'PROTOPORPHYRIN IX CONTAINING FE'
3 water water
#
_entity_poly.entity_id   1
_entity_poly.type   'polypeptide(L)'
_entity_poly.pdbx_seq_one_letter_code
;MAKKTSSKGKLPPGPSPLPVLGNLLQMDRKGLLRSFLRLREKYGDVFTVYLGSRPVVVLCGTDAIREALVDQAEAFSGRG
KIAVVDPIFQGYGVIFANGERWRALRRFSLATMRDFGMGKRSVEERIQEEARCLVEELRKSKGALLDNTLLFHSITSNII
CSIVFGKRFDYKDPVFLRLLDLFFQSFSLISSFSSQVFELFSGFLKHFPGTHRQIYRNLQEINTFIGQSVEKHRATLDPS
NPRDFIDVYLLRMEKDKSDPSSEFHHQNLILTVLSLFFAGTETTSTTLRYGFLLMLKYPHVTERVQKEIEQVIGSHRPPA
LDDRAKMPYTDAVIHEIQRLGDLIPFGVPHTVTKDTQFRGYVIPKNTEVFPVLSSALHDPRYFETPNTFNPGHFLDANGA
LKRNEGFMPFSLGKRICLGEGIARTELFLFFTTILQNFSIASPVPPEDIDLTPRESGVGNVPPSYQIRFLARHHHH
;
_entity_poly.pdbx_strand_id   A
#
loop_
_chem_comp.id
_chem_comp.type
_chem_comp.name
_chem_comp.formula
HEM non-polymer 'PROTOPORPHYRIN IX CONTAINING FE' 'C34 H32 Fe N4 O4'
#
# COMPACT_ATOMS: atom_id res chain seq x y z
N GLY A 9 -2.99 31.73 18.03
CA GLY A 9 -3.73 30.63 18.62
C GLY A 9 -2.84 29.61 19.30
N LYS A 10 -3.42 28.48 19.75
CA LYS A 10 -2.59 27.45 20.34
C LYS A 10 -2.73 26.12 19.60
N LEU A 11 -1.65 25.33 19.62
CA LEU A 11 -1.68 23.99 19.03
C LEU A 11 -2.65 23.11 19.80
N PRO A 12 -3.20 22.07 19.17
CA PRO A 12 -4.02 21.11 19.92
C PRO A 12 -3.29 20.61 21.17
N PRO A 13 -4.02 20.20 22.20
CA PRO A 13 -3.40 19.76 23.45
C PRO A 13 -2.62 18.47 23.28
N GLY A 14 -1.72 18.15 24.22
CA GLY A 14 -1.05 16.87 24.13
C GLY A 14 -0.09 16.64 25.27
N PRO A 15 0.60 15.51 25.35
CA PRO A 15 1.53 15.33 26.49
C PRO A 15 2.66 16.37 26.47
N SER A 16 2.92 16.98 27.63
CA SER A 16 4.01 17.95 27.72
C SER A 16 5.33 17.39 27.19
N PRO A 17 5.93 18.19 26.31
CA PRO A 17 7.22 17.87 25.70
C PRO A 17 8.44 18.17 26.57
N LEU A 18 9.43 17.31 26.44
CA LEU A 18 10.76 17.62 26.95
C LEU A 18 11.42 18.60 25.99
N PRO A 19 12.09 19.63 26.47
CA PRO A 19 12.91 20.45 25.57
C PRO A 19 13.85 19.56 24.73
N VAL A 20 13.82 19.77 23.44
CA VAL A 20 14.50 19.33 22.26
C VAL A 20 14.19 17.91 21.81
N LEU A 21 13.69 17.04 22.68
CA LEU A 21 13.42 15.67 22.18
C LEU A 21 11.93 15.35 22.27
N GLY A 22 11.16 16.36 22.64
CA GLY A 22 9.72 16.27 22.74
C GLY A 22 9.22 15.08 23.54
N ASN A 23 8.43 14.23 22.90
CA ASN A 23 7.83 13.11 23.62
C ASN A 23 8.46 11.78 23.23
N LEU A 24 9.68 11.82 22.67
CA LEU A 24 10.30 10.57 22.24
C LEU A 24 10.63 9.64 23.38
N LEU A 25 10.96 10.21 24.54
CA LEU A 25 11.32 9.37 25.68
C LEU A 25 10.12 8.82 26.43
N GLN A 26 8.93 9.39 26.23
CA GLN A 26 7.73 9.01 26.96
C GLN A 26 6.83 8.05 26.20
N MET A 27 7.42 7.19 25.36
CA MET A 27 6.56 6.25 24.65
C MET A 27 6.59 4.87 25.30
N ASP A 28 5.55 4.11 25.00
CA ASP A 28 5.34 2.84 25.67
C ASP A 28 5.73 1.62 24.85
N ARG A 29 6.26 0.65 25.59
CA ARG A 29 6.56 -0.68 25.04
C ARG A 29 5.28 -1.34 24.56
N LYS A 30 4.16 -0.90 25.12
CA LYS A 30 2.81 -1.29 24.78
C LYS A 30 2.53 -1.23 23.28
N GLY A 31 3.19 -0.30 22.58
CA GLY A 31 2.85 -0.08 21.19
C GLY A 31 2.34 1.31 20.87
N LEU A 32 2.70 1.75 19.67
CA LEU A 32 2.39 3.11 19.26
C LEU A 32 0.88 3.33 19.17
N LEU A 33 0.17 2.42 18.52
CA LEU A 33 -1.28 2.59 18.34
C LEU A 33 -2.02 2.59 19.67
N ARG A 34 -1.69 1.64 20.53
CA ARG A 34 -2.38 1.63 21.84
C ARG A 34 -2.09 2.91 22.60
N SER A 35 -0.84 3.41 22.48
CA SER A 35 -0.48 4.67 23.12
C SER A 35 -1.24 5.84 22.51
N PHE A 36 -1.44 5.79 21.18
CA PHE A 36 -2.26 6.86 20.60
C PHE A 36 -3.67 6.71 21.15
N LEU A 37 -4.05 5.47 21.46
CA LEU A 37 -5.42 5.30 22.00
C LEU A 37 -5.49 6.03 23.34
N ARG A 38 -4.45 5.79 24.14
CA ARG A 38 -4.38 6.42 25.46
C ARG A 38 -4.39 7.94 25.35
N LEU A 39 -3.58 8.51 24.46
CA LEU A 39 -3.56 9.98 24.39
C LEU A 39 -4.90 10.55 23.97
N ARG A 40 -5.57 9.87 23.04
CA ARG A 40 -6.87 10.38 22.61
C ARG A 40 -7.89 10.42 23.73
N GLU A 41 -7.89 9.36 24.55
CA GLU A 41 -8.83 9.35 25.67
C GLU A 41 -8.50 10.50 26.63
N LYS A 42 -7.20 10.76 26.76
CA LYS A 42 -6.74 11.76 27.71
C LYS A 42 -6.86 13.17 27.16
N TYR A 43 -6.73 13.34 25.85
CA TYR A 43 -6.69 14.67 25.25
C TYR A 43 -7.77 14.93 24.21
N GLY A 44 -8.44 13.89 23.72
CA GLY A 44 -9.47 14.07 22.71
C GLY A 44 -8.99 13.67 21.32
N ASP A 45 -9.77 13.93 20.29
CA ASP A 45 -9.50 13.30 19.00
C ASP A 45 -8.50 14.09 18.16
N VAL A 46 -8.09 15.26 18.63
CA VAL A 46 -7.03 16.01 17.96
C VAL A 46 -6.00 16.41 19.02
N PHE A 47 -4.83 15.81 18.92
CA PHE A 47 -3.79 16.15 19.91
C PHE A 47 -2.45 16.39 19.21
N THR A 48 -1.47 16.90 19.95
CA THR A 48 -0.14 17.21 19.49
C THR A 48 0.91 16.38 20.23
N VAL A 49 1.80 15.78 19.45
CA VAL A 49 2.99 15.12 20.00
C VAL A 49 4.22 15.78 19.42
N TYR A 50 5.30 15.77 20.18
CA TYR A 50 6.56 16.36 19.75
C TYR A 50 7.58 15.30 19.37
N LEU A 51 7.92 15.24 18.09
CA LEU A 51 9.04 14.43 17.66
C LEU A 51 10.28 15.32 17.73
N GLY A 52 10.97 15.25 18.86
CA GLY A 52 12.08 16.18 19.09
C GLY A 52 11.54 17.59 19.26
N SER A 53 12.03 18.55 18.50
CA SER A 53 11.60 19.94 18.61
C SER A 53 10.34 20.22 17.81
N ARG A 54 9.92 19.28 16.98
CA ARG A 54 8.84 19.52 16.04
C ARG A 54 7.50 18.94 16.46
N PRO A 55 6.50 19.80 16.53
CA PRO A 55 5.13 19.36 16.86
C PRO A 55 4.51 18.68 15.65
N VAL A 56 3.71 17.66 15.92
CA VAL A 56 3.00 16.86 14.97
C VAL A 56 1.56 16.73 15.49
N VAL A 57 0.62 17.10 14.63
CA VAL A 57 -0.79 17.02 15.00
C VAL A 57 -1.36 15.67 14.60
N VAL A 58 -2.07 15.01 15.52
CA VAL A 58 -2.66 13.70 15.29
C VAL A 58 -4.19 13.79 15.24
N LEU A 59 -4.82 13.33 14.17
CA LEU A 59 -6.25 13.37 13.93
C LEU A 59 -6.86 11.98 14.10
N CYS A 60 -7.75 11.81 15.07
CA CYS A 60 -8.37 10.53 15.35
C CYS A 60 -9.88 10.49 15.14
N GLY A 61 -10.35 9.36 14.65
CA GLY A 61 -11.75 9.11 14.31
C GLY A 61 -12.17 9.76 13.00
N THR A 62 -13.20 9.21 12.38
CA THR A 62 -13.79 9.57 11.11
C THR A 62 -14.14 11.05 11.03
N ASP A 63 -14.88 11.56 12.00
CA ASP A 63 -15.30 12.96 11.98
C ASP A 63 -14.14 13.95 11.97
N ALA A 64 -13.19 13.85 12.90
CA ALA A 64 -12.08 14.80 12.91
C ALA A 64 -11.27 14.69 11.62
N ILE A 65 -11.03 13.46 11.15
CA ILE A 65 -10.23 13.30 9.94
C ILE A 65 -10.94 13.87 8.73
N ARG A 66 -12.26 13.68 8.63
CA ARG A 66 -12.96 14.23 7.46
C ARG A 66 -13.06 15.75 7.57
N GLU A 67 -13.20 16.28 8.77
CA GLU A 67 -13.23 17.72 8.99
C GLU A 67 -11.96 18.39 8.44
N ALA A 68 -10.84 17.68 8.61
CA ALA A 68 -9.58 18.21 8.14
C ALA A 68 -9.45 17.96 6.64
N LEU A 69 -9.33 16.70 6.25
CA LEU A 69 -8.98 16.28 4.90
C LEU A 69 -10.04 16.58 3.84
N VAL A 70 -11.29 16.69 4.24
CA VAL A 70 -12.35 16.99 3.27
C VAL A 70 -12.87 18.41 3.51
N ASP A 71 -13.25 18.75 4.74
CA ASP A 71 -13.82 20.08 4.97
C ASP A 71 -12.80 21.18 4.68
N GLN A 72 -11.54 20.96 5.03
CA GLN A 72 -10.46 21.90 4.73
C GLN A 72 -9.39 21.26 3.82
N ALA A 73 -9.90 20.71 2.71
CA ALA A 73 -9.13 19.87 1.81
C ALA A 73 -7.83 20.51 1.35
N GLU A 74 -7.90 21.76 0.92
CA GLU A 74 -6.68 22.41 0.45
C GLU A 74 -5.67 22.70 1.58
N ALA A 75 -6.12 23.30 2.67
CA ALA A 75 -5.27 23.55 3.83
C ALA A 75 -4.50 22.31 4.27
N PHE A 76 -5.11 21.12 4.23
CA PHE A 76 -4.46 19.89 4.67
C PHE A 76 -3.82 19.11 3.54
N SER A 77 -3.61 19.72 2.38
CA SER A 77 -3.20 18.94 1.22
C SER A 77 -1.70 18.84 1.09
N GLY A 78 -0.94 19.53 1.93
CA GLY A 78 0.50 19.44 1.94
C GLY A 78 1.04 18.01 1.95
N ARG A 79 2.16 17.76 1.29
CA ARG A 79 2.71 16.41 1.30
C ARG A 79 3.51 16.25 2.60
N GLY A 80 3.67 15.02 3.04
CA GLY A 80 4.44 14.85 4.29
C GLY A 80 5.87 15.30 4.14
N LYS A 81 6.52 15.60 5.24
CA LYS A 81 7.94 15.92 5.33
C LYS A 81 8.61 14.95 6.30
N ILE A 82 9.40 14.01 5.82
CA ILE A 82 10.02 13.09 6.77
C ILE A 82 11.37 13.62 7.26
N ALA A 83 11.75 14.80 6.78
CA ALA A 83 12.97 15.44 7.25
C ALA A 83 12.90 15.63 8.77
N VAL A 84 11.69 15.96 9.18
CA VAL A 84 11.26 16.23 10.54
C VAL A 84 11.97 15.34 11.55
N VAL A 85 11.87 14.01 11.39
CA VAL A 85 12.49 13.09 12.34
C VAL A 85 13.98 12.91 12.06
N ASP A 86 14.46 13.41 10.92
CA ASP A 86 15.87 13.26 10.58
C ASP A 86 16.77 13.89 11.65
N PRO A 87 17.59 13.03 12.24
CA PRO A 87 18.52 13.48 13.28
C PRO A 87 19.43 14.63 12.86
N ILE A 88 20.01 14.56 11.68
CA ILE A 88 21.07 15.49 11.29
C ILE A 88 20.60 16.93 11.14
N PHE A 89 20.34 17.60 12.26
CA PHE A 89 19.98 19.02 12.22
C PHE A 89 21.07 19.90 12.81
N GLN A 90 22.28 19.39 12.93
CA GLN A 90 23.46 20.16 13.31
C GLN A 90 24.14 20.68 12.04
N GLY A 91 23.29 20.86 11.04
CA GLY A 91 23.43 21.36 9.70
C GLY A 91 22.08 21.69 9.08
N TYR A 92 21.02 21.09 9.61
CA TYR A 92 19.64 21.27 9.16
C TYR A 92 19.50 20.64 7.77
N GLY A 93 19.66 21.46 6.75
CA GLY A 93 19.47 21.22 5.34
C GLY A 93 18.57 20.03 5.08
N VAL A 94 19.05 19.11 4.25
CA VAL A 94 18.31 17.88 3.97
C VAL A 94 18.99 17.07 2.87
N ILE A 95 19.88 17.69 2.10
CA ILE A 95 20.51 17.13 0.89
C ILE A 95 19.41 16.39 0.11
N PHE A 96 18.75 17.26 -0.63
CA PHE A 96 17.43 17.19 -1.18
C PHE A 96 17.44 16.94 -2.68
N ALA A 97 18.32 16.03 -3.09
CA ALA A 97 18.38 15.79 -4.53
C ALA A 97 18.84 17.08 -5.20
N ASN A 98 19.98 17.00 -5.88
CA ASN A 98 20.70 18.06 -6.53
C ASN A 98 19.85 19.20 -7.07
N GLY A 99 19.59 20.16 -6.20
CA GLY A 99 18.98 21.44 -6.33
C GLY A 99 17.64 21.55 -6.99
N GLU A 100 17.28 22.78 -7.35
CA GLU A 100 16.03 23.16 -7.95
C GLU A 100 15.56 22.17 -9.01
N ARG A 101 16.49 21.59 -9.75
CA ARG A 101 16.15 20.65 -10.81
C ARG A 101 15.37 19.47 -10.24
N TRP A 102 15.90 18.88 -9.17
CA TRP A 102 15.25 17.66 -8.68
C TRP A 102 13.85 17.95 -8.16
N ARG A 103 13.65 19.18 -7.66
CA ARG A 103 12.27 19.55 -7.35
C ARG A 103 11.49 19.53 -8.67
N ALA A 104 12.18 20.00 -9.71
CA ALA A 104 11.52 20.00 -11.01
C ALA A 104 11.15 18.56 -11.39
N LEU A 105 12.14 17.67 -11.27
CA LEU A 105 12.00 16.30 -11.72
C LEU A 105 10.96 15.54 -10.91
N ARG A 106 10.84 15.84 -9.62
CA ARG A 106 9.85 15.05 -8.88
C ARG A 106 8.44 15.45 -9.26
N ARG A 107 8.25 16.71 -9.61
CA ARG A 107 6.92 17.13 -10.07
C ARG A 107 6.68 16.69 -11.52
N PHE A 108 7.76 16.49 -12.28
CA PHE A 108 7.63 15.92 -13.63
C PHE A 108 7.04 14.51 -13.50
N SER A 109 7.64 13.72 -12.59
CA SER A 109 7.13 12.38 -12.35
C SER A 109 5.69 12.39 -11.82
N LEU A 110 5.41 13.30 -10.89
CA LEU A 110 4.06 13.31 -10.31
C LEU A 110 3.04 13.58 -11.39
N ALA A 111 3.38 14.55 -12.23
CA ALA A 111 2.56 14.88 -13.40
C ALA A 111 2.42 13.67 -14.30
N THR A 112 3.54 12.98 -14.55
CA THR A 112 3.44 11.83 -15.45
C THR A 112 2.51 10.80 -14.84
N MET A 113 2.61 10.62 -13.52
CA MET A 113 1.74 9.67 -12.84
C MET A 113 0.28 10.10 -12.94
N ARG A 114 0.06 11.38 -12.67
CA ARG A 114 -1.22 12.05 -12.72
C ARG A 114 -1.71 12.21 -14.16
N ASP A 115 -0.81 12.13 -15.12
CA ASP A 115 -1.11 12.34 -16.53
C ASP A 115 -0.94 11.04 -17.32
N PHE A 116 -0.65 9.96 -16.60
CA PHE A 116 -0.52 8.65 -17.24
C PHE A 116 -1.91 8.00 -17.39
N GLY A 117 -2.17 7.72 -18.66
CA GLY A 117 -3.33 7.12 -19.25
C GLY A 117 -3.88 5.92 -18.52
N MET A 118 -5.04 6.12 -17.91
CA MET A 118 -5.74 5.08 -17.17
C MET A 118 -5.83 3.79 -17.99
N GLY A 119 -6.55 3.87 -19.11
CA GLY A 119 -6.79 2.70 -19.95
C GLY A 119 -7.31 1.57 -19.07
N LYS A 120 -8.33 1.86 -18.29
CA LYS A 120 -8.92 0.97 -17.32
C LYS A 120 -9.13 -0.42 -17.89
N ARG A 121 -9.61 -0.47 -19.13
CA ARG A 121 -9.81 -1.80 -19.73
C ARG A 121 -8.44 -2.44 -20.00
N SER A 122 -7.43 -1.63 -20.28
CA SER A 122 -6.12 -2.26 -20.52
C SER A 122 -5.55 -2.67 -19.16
N VAL A 123 -5.77 -1.88 -18.11
CA VAL A 123 -5.26 -2.35 -16.82
C VAL A 123 -6.05 -3.60 -16.45
N GLU A 124 -7.36 -3.60 -16.67
CA GLU A 124 -8.16 -4.77 -16.29
C GLU A 124 -7.64 -5.99 -17.03
N GLU A 125 -7.31 -5.80 -18.30
CA GLU A 125 -6.80 -6.86 -19.13
C GLU A 125 -5.51 -7.45 -18.57
N ARG A 126 -4.59 -6.54 -18.21
CA ARG A 126 -3.34 -6.97 -17.63
C ARG A 126 -3.60 -7.78 -16.34
N ILE A 127 -4.59 -7.34 -15.58
CA ILE A 127 -4.77 -8.06 -14.30
C ILE A 127 -5.44 -9.39 -14.53
N GLN A 128 -6.39 -9.49 -15.45
CA GLN A 128 -6.95 -10.78 -15.82
C GLN A 128 -5.86 -11.75 -16.26
N GLU A 129 -4.90 -11.21 -17.03
CA GLU A 129 -3.85 -12.08 -17.57
C GLU A 129 -2.97 -12.59 -16.42
N GLU A 130 -2.64 -11.68 -15.53
CA GLU A 130 -1.87 -12.07 -14.37
C GLU A 130 -2.64 -13.09 -13.55
N ALA A 131 -3.95 -12.84 -13.39
CA ALA A 131 -4.74 -13.81 -12.64
C ALA A 131 -4.73 -15.18 -13.28
N ARG A 132 -4.81 -15.32 -14.60
CA ARG A 132 -4.70 -16.60 -15.27
C ARG A 132 -3.38 -17.30 -15.02
N CYS A 133 -2.31 -16.51 -15.07
CA CYS A 133 -0.96 -17.04 -14.84
C CYS A 133 -0.84 -17.55 -13.41
N LEU A 134 -1.47 -16.80 -12.50
CA LEU A 134 -1.48 -17.25 -11.10
C LEU A 134 -2.23 -18.56 -10.93
N VAL A 135 -3.38 -18.70 -11.59
CA VAL A 135 -4.14 -19.94 -11.47
C VAL A 135 -3.36 -21.14 -11.96
N GLU A 136 -2.64 -21.00 -13.06
CA GLU A 136 -1.78 -22.07 -13.58
C GLU A 136 -0.66 -22.39 -12.61
N GLU A 137 -0.03 -21.40 -11.96
CA GLU A 137 0.97 -21.73 -10.94
C GLU A 137 0.35 -22.49 -9.78
N LEU A 138 -0.79 -21.98 -9.30
CA LEU A 138 -1.43 -22.66 -8.16
C LEU A 138 -1.81 -24.09 -8.50
N ARG A 139 -2.34 -24.38 -9.69
CA ARG A 139 -2.71 -25.75 -10.06
C ARG A 139 -1.53 -26.69 -9.97
N LYS A 140 -0.35 -26.20 -10.32
CA LYS A 140 0.87 -26.98 -10.30
C LYS A 140 1.28 -27.47 -8.92
N SER A 141 0.83 -26.74 -7.90
CA SER A 141 1.20 -27.03 -6.52
C SER A 141 0.47 -28.28 -6.02
N LYS A 142 -0.54 -28.68 -6.79
CA LYS A 142 -1.28 -29.89 -6.51
C LYS A 142 -1.75 -29.99 -5.07
N GLY A 143 -2.19 -28.83 -4.55
CA GLY A 143 -2.75 -28.78 -3.21
C GLY A 143 -1.72 -28.90 -2.11
N ALA A 144 -0.44 -28.78 -2.42
CA ALA A 144 0.59 -28.79 -1.42
C ALA A 144 0.51 -27.62 -0.45
N LEU A 145 0.95 -27.79 0.80
CA LEU A 145 0.94 -26.66 1.71
C LEU A 145 1.91 -25.62 1.20
N LEU A 146 1.56 -24.33 1.27
CA LEU A 146 2.60 -23.39 0.85
C LEU A 146 2.48 -22.08 1.61
N ASP A 147 3.55 -21.29 1.54
CA ASP A 147 3.51 -19.91 2.03
C ASP A 147 3.20 -19.04 0.82
N ASN A 148 2.08 -18.32 0.81
CA ASN A 148 1.74 -17.61 -0.44
C ASN A 148 2.40 -16.23 -0.51
N THR A 149 3.31 -15.91 0.40
CA THR A 149 3.90 -14.58 0.47
C THR A 149 4.59 -14.22 -0.84
N LEU A 150 5.49 -15.07 -1.32
CA LEU A 150 6.23 -14.70 -2.53
C LEU A 150 5.35 -14.61 -3.77
N LEU A 151 4.41 -15.52 -3.96
CA LEU A 151 3.46 -15.46 -5.06
C LEU A 151 2.65 -14.17 -5.01
N PHE A 152 2.19 -13.79 -3.81
CA PHE A 152 1.34 -12.59 -3.81
C PHE A 152 2.17 -11.35 -4.10
N HIS A 153 3.45 -11.31 -3.69
CA HIS A 153 4.28 -10.17 -4.07
C HIS A 153 4.60 -10.24 -5.59
N SER A 154 4.66 -11.44 -6.11
CA SER A 154 4.94 -11.63 -7.54
C SER A 154 3.80 -11.06 -8.38
N ILE A 155 2.56 -11.40 -8.07
CA ILE A 155 1.47 -10.98 -8.95
C ILE A 155 1.29 -9.48 -8.87
N THR A 156 1.40 -8.88 -7.70
CA THR A 156 1.19 -7.44 -7.59
C THR A 156 2.33 -6.64 -8.25
N SER A 157 3.57 -7.08 -8.06
CA SER A 157 4.68 -6.37 -8.70
C SER A 157 4.54 -6.55 -10.21
N ASN A 158 4.05 -7.69 -10.66
CA ASN A 158 4.00 -7.94 -12.12
C ASN A 158 2.98 -7.01 -12.76
N ILE A 159 1.94 -6.62 -12.01
CA ILE A 159 1.01 -5.64 -12.60
C ILE A 159 1.71 -4.31 -12.82
N ILE A 160 2.51 -3.88 -11.85
CA ILE A 160 3.28 -2.65 -12.02
C ILE A 160 4.26 -2.78 -13.19
N CYS A 161 4.92 -3.94 -13.25
CA CYS A 161 5.81 -4.16 -14.39
C CYS A 161 5.07 -4.02 -15.72
N SER A 162 3.88 -4.57 -15.85
CA SER A 162 3.15 -4.54 -17.11
C SER A 162 2.73 -3.12 -17.46
N ILE A 163 2.39 -2.33 -16.46
CA ILE A 163 2.00 -0.94 -16.69
C ILE A 163 3.17 -0.03 -16.97
N VAL A 164 4.38 -0.42 -16.54
CA VAL A 164 5.56 0.42 -16.71
C VAL A 164 6.29 0.06 -18.01
N PHE A 165 6.57 -1.21 -18.19
CA PHE A 165 7.32 -1.70 -19.32
C PHE A 165 6.45 -2.19 -20.49
N GLY A 166 5.15 -2.37 -20.27
CA GLY A 166 4.19 -2.77 -21.26
C GLY A 166 3.79 -4.23 -21.29
N LYS A 167 4.53 -5.08 -20.57
CA LYS A 167 4.21 -6.50 -20.47
C LYS A 167 4.75 -7.02 -19.11
N ARG A 168 4.09 -8.10 -18.70
CA ARG A 168 4.48 -8.79 -17.49
C ARG A 168 5.76 -9.59 -17.74
N PHE A 169 6.50 -9.82 -16.67
CA PHE A 169 7.55 -10.81 -16.68
C PHE A 169 7.00 -12.20 -16.39
N ASP A 170 7.68 -13.18 -16.97
CA ASP A 170 7.60 -14.53 -16.44
C ASP A 170 8.09 -14.54 -14.99
N TYR A 171 7.43 -15.38 -14.17
CA TYR A 171 7.74 -15.36 -12.74
C TYR A 171 9.19 -15.71 -12.49
N LYS A 172 9.83 -16.44 -13.40
CA LYS A 172 11.25 -16.75 -13.04
C LYS A 172 12.23 -16.06 -13.97
N ASP A 173 11.78 -14.95 -14.55
CA ASP A 173 12.65 -14.12 -15.37
C ASP A 173 13.74 -13.55 -14.48
N PRO A 174 15.02 -13.68 -14.83
CA PRO A 174 16.09 -13.25 -13.94
C PRO A 174 15.96 -11.80 -13.48
N VAL A 175 15.54 -10.94 -14.39
CA VAL A 175 15.38 -9.53 -14.01
C VAL A 175 14.21 -9.33 -13.05
N PHE A 176 13.16 -10.11 -13.22
CA PHE A 176 12.01 -10.07 -12.30
C PHE A 176 12.44 -10.58 -10.92
N LEU A 177 13.28 -11.61 -10.90
CA LEU A 177 13.76 -12.13 -9.63
C LEU A 177 14.68 -11.15 -8.93
N ARG A 178 15.46 -10.38 -9.68
CA ARG A 178 16.22 -9.33 -9.00
C ARG A 178 15.33 -8.26 -8.39
N LEU A 179 14.23 -7.92 -9.06
CA LEU A 179 13.31 -6.90 -8.51
C LEU A 179 12.76 -7.39 -7.17
N LEU A 180 12.24 -8.62 -7.20
CA LEU A 180 11.70 -9.24 -5.98
C LEU A 180 12.77 -9.31 -4.91
N ASP A 181 14.02 -9.59 -5.29
CA ASP A 181 15.06 -9.63 -4.25
C ASP A 181 15.32 -8.29 -3.62
N LEU A 182 15.23 -7.25 -4.45
CA LEU A 182 15.39 -5.89 -3.98
C LEU A 182 14.32 -5.55 -2.92
N PHE A 183 13.08 -6.03 -3.13
CA PHE A 183 12.01 -5.85 -2.17
C PHE A 183 12.40 -6.45 -0.83
N PHE A 184 12.88 -7.69 -0.93
CA PHE A 184 13.38 -8.36 0.26
C PHE A 184 14.43 -7.49 0.95
N GLN A 185 15.39 -6.97 0.19
CA GLN A 185 16.54 -6.27 0.75
C GLN A 185 16.17 -4.94 1.39
N SER A 186 15.03 -4.43 0.97
CA SER A 186 14.54 -3.15 1.44
C SER A 186 13.42 -3.28 2.47
N PHE A 187 13.03 -4.48 2.80
CA PHE A 187 12.05 -4.87 3.81
C PHE A 187 10.62 -4.88 3.29
N SER A 188 10.41 -4.64 2.01
CA SER A 188 9.09 -4.72 1.39
C SER A 188 8.73 -6.16 1.03
N LEU A 189 9.32 -7.11 1.75
CA LEU A 189 8.98 -8.53 1.62
C LEU A 189 9.19 -9.23 2.97
N ILE A 190 8.49 -8.74 3.97
CA ILE A 190 8.62 -9.19 5.36
C ILE A 190 7.52 -10.17 5.71
N SER A 191 7.79 -11.01 6.70
CA SER A 191 6.81 -11.93 7.26
C SER A 191 6.91 -11.84 8.79
N SER A 192 6.15 -12.71 9.43
CA SER A 192 6.00 -12.78 10.88
C SER A 192 7.33 -13.03 11.60
N PHE A 193 8.15 -13.89 11.02
CA PHE A 193 9.45 -14.27 11.55
C PHE A 193 10.60 -13.36 11.12
N SER A 194 10.41 -12.55 10.09
CA SER A 194 11.44 -11.71 9.50
C SER A 194 12.29 -10.98 10.53
N SER A 195 11.61 -10.38 11.52
CA SER A 195 12.37 -9.58 12.47
C SER A 195 13.26 -10.47 13.32
N GLN A 196 12.84 -11.69 13.64
CA GLN A 196 13.79 -12.54 14.38
C GLN A 196 14.86 -13.05 13.43
N VAL A 197 14.53 -13.22 12.15
CA VAL A 197 15.59 -13.55 11.19
C VAL A 197 16.62 -12.43 11.11
N PHE A 198 16.17 -11.20 10.90
CA PHE A 198 17.11 -10.07 10.86
C PHE A 198 17.94 -10.03 12.13
N GLU A 199 17.26 -10.31 13.24
CA GLU A 199 17.95 -10.21 14.52
C GLU A 199 19.07 -11.23 14.67
N LEU A 200 18.80 -12.46 14.25
CA LEU A 200 19.73 -13.57 14.24
C LEU A 200 20.94 -13.17 13.39
N PHE A 201 20.63 -12.59 12.23
CA PHE A 201 21.69 -12.22 11.31
C PHE A 201 22.24 -10.82 11.54
N SER A 202 21.89 -10.16 12.64
CA SER A 202 22.23 -8.75 12.80
C SER A 202 23.71 -8.47 12.68
N GLY A 203 24.58 -9.36 13.15
CA GLY A 203 26.01 -9.04 13.05
C GLY A 203 26.49 -9.02 11.61
N PHE A 204 25.93 -9.91 10.79
CA PHE A 204 26.19 -9.98 9.37
C PHE A 204 25.71 -8.71 8.66
N LEU A 205 24.45 -8.36 8.92
CA LEU A 205 23.74 -7.33 8.20
C LEU A 205 24.18 -5.92 8.54
N LYS A 206 24.50 -5.70 9.80
CA LYS A 206 24.80 -4.37 10.29
C LYS A 206 26.27 -4.17 10.58
N HIS A 207 27.02 -5.24 10.86
CA HIS A 207 28.41 -4.98 11.23
C HIS A 207 29.33 -5.28 10.05
N PHE A 208 29.35 -6.51 9.62
CA PHE A 208 30.22 -6.92 8.51
C PHE A 208 29.74 -8.25 7.96
N PRO A 209 29.63 -8.36 6.63
CA PRO A 209 29.99 -7.31 5.69
C PRO A 209 28.84 -6.45 5.19
N GLY A 210 27.66 -6.53 5.80
CA GLY A 210 26.51 -5.73 5.37
C GLY A 210 25.85 -6.27 4.13
N THR A 211 24.89 -5.51 3.58
CA THR A 211 24.18 -5.93 2.38
C THR A 211 24.32 -4.94 1.23
N HIS A 212 25.01 -3.83 1.43
CA HIS A 212 25.19 -2.88 0.31
C HIS A 212 25.79 -3.52 -0.92
N ARG A 213 26.76 -4.44 -0.84
CA ARG A 213 27.24 -5.07 -2.07
C ARG A 213 26.13 -5.79 -2.83
N GLN A 214 25.33 -6.58 -2.11
CA GLN A 214 24.27 -7.33 -2.80
C GLN A 214 23.18 -6.42 -3.35
N ILE A 215 22.93 -5.32 -2.62
CA ILE A 215 21.89 -4.41 -3.08
C ILE A 215 22.38 -3.69 -4.34
N TYR A 216 23.67 -3.34 -4.30
CA TYR A 216 24.30 -2.68 -5.44
C TYR A 216 24.18 -3.52 -6.70
N ARG A 217 24.55 -4.80 -6.57
CA ARG A 217 24.49 -5.66 -7.76
C ARG A 217 23.06 -5.81 -8.24
N ASN A 218 22.09 -5.84 -7.33
CA ASN A 218 20.71 -5.91 -7.81
C ASN A 218 20.37 -4.63 -8.57
N LEU A 219 20.70 -3.48 -7.98
CA LEU A 219 20.32 -2.23 -8.64
C LEU A 219 20.99 -2.03 -9.98
N GLN A 220 22.23 -2.50 -10.12
CA GLN A 220 22.89 -2.32 -11.42
C GLN A 220 22.14 -3.09 -12.50
N GLU A 221 21.77 -4.32 -12.19
CA GLU A 221 21.05 -5.15 -13.16
C GLU A 221 19.71 -4.54 -13.56
N ILE A 222 19.01 -4.01 -12.56
CA ILE A 222 17.71 -3.35 -12.72
C ILE A 222 17.88 -2.07 -13.52
N ASN A 223 18.88 -1.26 -13.14
CA ASN A 223 19.24 -0.08 -13.93
C ASN A 223 19.57 -0.40 -15.38
N THR A 224 20.33 -1.47 -15.62
CA THR A 224 20.65 -1.79 -17.00
C THR A 224 19.37 -2.10 -17.78
N PHE A 225 18.54 -2.93 -17.15
CA PHE A 225 17.28 -3.35 -17.77
C PHE A 225 16.46 -2.14 -18.18
N ILE A 226 16.28 -1.26 -17.20
CA ILE A 226 15.44 -0.09 -17.44
C ILE A 226 16.01 0.75 -18.57
N GLY A 227 17.30 1.08 -18.54
CA GLY A 227 17.89 1.83 -19.63
C GLY A 227 17.65 1.19 -21.00
N GLN A 228 17.81 -0.12 -21.12
CA GLN A 228 17.63 -0.85 -22.36
C GLN A 228 16.16 -0.77 -22.78
N SER A 229 15.28 -0.87 -21.77
CA SER A 229 13.85 -0.80 -22.08
C SER A 229 13.49 0.60 -22.56
N VAL A 230 14.13 1.63 -22.00
CA VAL A 230 13.85 2.99 -22.41
C VAL A 230 14.21 3.18 -23.88
N GLU A 231 15.35 2.62 -24.26
CA GLU A 231 15.83 2.76 -25.63
C GLU A 231 14.91 2.08 -26.61
N LYS A 232 14.46 0.89 -26.24
CA LYS A 232 13.59 0.10 -27.11
C LYS A 232 12.22 0.76 -27.21
N HIS A 233 11.81 1.40 -26.11
CA HIS A 233 10.59 2.20 -26.12
C HIS A 233 10.75 3.41 -27.05
N ARG A 234 11.85 4.14 -26.93
CA ARG A 234 12.03 5.36 -27.71
C ARG A 234 12.05 5.01 -29.21
N ALA A 235 12.64 3.88 -29.51
CA ALA A 235 12.78 3.45 -30.90
C ALA A 235 11.45 3.11 -31.53
N THR A 236 10.42 2.89 -30.69
CA THR A 236 9.15 2.49 -31.28
C THR A 236 8.01 3.39 -30.80
N LEU A 237 8.35 4.53 -30.26
CA LEU A 237 7.37 5.43 -29.65
C LEU A 237 6.34 5.97 -30.64
N ASP A 238 5.08 5.97 -30.25
CA ASP A 238 3.97 6.46 -31.08
C ASP A 238 3.11 7.37 -30.23
N PRO A 239 3.14 8.67 -30.48
CA PRO A 239 2.43 9.60 -29.61
C PRO A 239 0.93 9.31 -29.60
N SER A 240 0.42 8.71 -30.67
CA SER A 240 -1.03 8.45 -30.66
C SER A 240 -1.37 7.23 -29.83
N ASN A 241 -0.37 6.43 -29.45
CA ASN A 241 -0.68 5.21 -28.70
C ASN A 241 0.34 4.95 -27.59
N PRO A 242 0.40 5.79 -26.58
CA PRO A 242 1.33 5.54 -25.47
C PRO A 242 0.98 4.17 -24.89
N ARG A 243 1.98 3.30 -24.72
CA ARG A 243 1.71 1.93 -24.34
C ARG A 243 1.69 1.71 -22.83
N ASP A 244 2.41 2.52 -22.09
CA ASP A 244 2.81 2.22 -20.72
C ASP A 244 3.48 3.44 -20.09
N PHE A 245 3.96 3.35 -18.86
CA PHE A 245 4.48 4.52 -18.18
C PHE A 245 5.72 5.10 -18.86
N ILE A 246 6.55 4.19 -19.38
CA ILE A 246 7.80 4.70 -19.99
C ILE A 246 7.42 5.55 -21.20
N ASP A 247 6.48 5.06 -21.99
CA ASP A 247 6.07 5.90 -23.14
C ASP A 247 5.60 7.28 -22.72
N VAL A 248 4.73 7.34 -21.71
CA VAL A 248 4.22 8.63 -21.24
C VAL A 248 5.32 9.54 -20.71
N TYR A 249 6.33 8.96 -20.06
CA TYR A 249 7.45 9.74 -19.58
C TYR A 249 8.23 10.27 -20.79
N LEU A 250 8.53 9.40 -21.74
CA LEU A 250 9.26 9.83 -22.94
C LEU A 250 8.52 10.94 -23.67
N LEU A 251 7.20 10.79 -23.76
CA LEU A 251 6.42 11.81 -24.45
C LEU A 251 6.59 13.16 -23.77
N ARG A 252 6.49 13.20 -22.45
CA ARG A 252 6.68 14.47 -21.74
C ARG A 252 8.08 15.03 -21.91
N MET A 253 9.10 14.17 -21.90
CA MET A 253 10.46 14.57 -22.19
C MET A 253 10.58 15.22 -23.57
N GLU A 254 10.03 14.52 -24.57
CA GLU A 254 10.09 15.06 -25.94
C GLU A 254 9.50 16.48 -25.94
N LYS A 255 8.38 16.62 -25.25
CA LYS A 255 7.71 17.92 -25.18
C LYS A 255 8.55 18.96 -24.47
N ASP A 256 9.32 18.54 -23.48
CA ASP A 256 10.05 19.46 -22.62
C ASP A 256 11.27 20.00 -23.35
N LYS A 257 11.52 19.39 -24.50
CA LYS A 257 12.76 19.62 -25.23
C LYS A 257 13.92 19.01 -24.44
N SER A 258 13.63 17.98 -23.63
CA SER A 258 14.65 17.38 -22.80
C SER A 258 15.69 16.60 -23.60
N ASP A 259 16.92 16.73 -23.10
CA ASP A 259 17.99 15.95 -23.66
C ASP A 259 17.67 14.46 -23.56
N PRO A 260 17.66 13.76 -24.69
CA PRO A 260 17.39 12.32 -24.66
C PRO A 260 18.50 11.59 -23.92
N SER A 261 19.65 12.24 -23.81
CA SER A 261 20.80 11.67 -23.11
C SER A 261 20.97 12.23 -21.71
N SER A 262 19.95 12.94 -21.19
CA SER A 262 20.10 13.44 -19.83
C SER A 262 20.34 12.33 -18.80
N GLU A 263 21.23 12.59 -17.86
CA GLU A 263 21.47 11.62 -16.79
C GLU A 263 20.44 11.80 -15.67
N PHE A 264 20.05 13.05 -15.48
CA PHE A 264 19.05 13.50 -14.54
C PHE A 264 17.71 12.83 -14.86
N HIS A 265 17.25 12.97 -16.11
CA HIS A 265 15.99 12.34 -16.49
C HIS A 265 16.11 10.83 -16.41
N HIS A 266 17.26 10.27 -16.75
CA HIS A 266 17.43 8.83 -16.65
C HIS A 266 17.39 8.37 -15.19
N GLN A 267 18.05 9.17 -14.35
CA GLN A 267 18.07 8.79 -12.93
C GLN A 267 16.63 8.92 -12.43
N ASN A 268 16.03 10.06 -12.77
CA ASN A 268 14.70 10.38 -12.27
C ASN A 268 13.69 9.31 -12.66
N LEU A 269 13.76 8.81 -13.88
CA LEU A 269 12.92 7.73 -14.38
C LEU A 269 13.03 6.47 -13.53
N ILE A 270 14.27 6.06 -13.27
CA ILE A 270 14.46 4.84 -12.46
C ILE A 270 13.96 5.04 -11.05
N LEU A 271 14.17 6.22 -10.46
CA LEU A 271 13.73 6.41 -9.09
C LEU A 271 12.19 6.40 -9.06
N THR A 272 11.59 6.87 -10.14
CA THR A 272 10.13 6.95 -10.23
C THR A 272 9.54 5.57 -10.42
N VAL A 273 10.21 4.77 -11.26
CA VAL A 273 9.80 3.38 -11.41
C VAL A 273 9.99 2.59 -10.11
N LEU A 274 11.06 2.84 -9.36
CA LEU A 274 11.17 2.14 -8.06
C LEU A 274 10.04 2.55 -7.13
N SER A 275 9.70 3.84 -7.09
CA SER A 275 8.56 4.31 -6.30
C SER A 275 7.28 3.57 -6.64
N LEU A 276 7.08 3.36 -7.93
CA LEU A 276 5.85 2.70 -8.39
C LEU A 276 5.86 1.24 -7.97
N PHE A 277 7.03 0.62 -8.13
CA PHE A 277 7.19 -0.77 -7.70
C PHE A 277 6.84 -0.94 -6.21
N PHE A 278 7.39 -0.06 -5.39
CA PHE A 278 7.24 -0.16 -3.94
C PHE A 278 5.77 0.14 -3.57
N ALA A 279 5.27 1.25 -4.07
CA ALA A 279 3.88 1.60 -3.78
C ALA A 279 2.94 0.50 -4.24
N GLY A 280 3.10 -0.06 -5.44
CA GLY A 280 2.13 -0.96 -6.00
C GLY A 280 2.20 -2.39 -5.50
N THR A 281 3.21 -2.72 -4.71
CA THR A 281 3.39 -4.13 -4.39
C THR A 281 2.96 -4.42 -2.94
N GLU A 282 3.66 -3.84 -1.98
CA GLU A 282 3.52 -4.34 -0.61
C GLU A 282 2.11 -4.19 -0.03
N THR A 283 1.48 -3.03 -0.09
CA THR A 283 0.17 -2.99 0.58
C THR A 283 -0.82 -3.90 -0.08
N THR A 284 -0.84 -3.97 -1.42
CA THR A 284 -1.79 -4.83 -2.09
C THR A 284 -1.52 -6.29 -1.78
N SER A 285 -0.21 -6.63 -1.85
CA SER A 285 0.14 -8.02 -1.56
C SER A 285 -0.29 -8.44 -0.15
N THR A 286 -0.01 -7.56 0.78
CA THR A 286 -0.31 -7.96 2.19
C THR A 286 -1.81 -8.03 2.41
N THR A 287 -2.55 -7.14 1.74
CA THR A 287 -4.02 -7.24 1.80
C THR A 287 -4.55 -8.58 1.31
N LEU A 288 -4.00 -9.10 0.19
CA LEU A 288 -4.39 -10.39 -0.32
C LEU A 288 -4.00 -11.49 0.66
N ARG A 289 -2.79 -11.35 1.21
CA ARG A 289 -2.33 -12.38 2.16
C ARG A 289 -3.22 -12.45 3.40
N TYR A 290 -3.57 -11.26 3.88
CA TYR A 290 -4.46 -11.20 5.09
C TYR A 290 -5.83 -11.71 4.72
N GLY A 291 -6.34 -11.31 3.54
CA GLY A 291 -7.64 -11.78 3.06
C GLY A 291 -7.75 -13.29 3.05
N PHE A 292 -6.71 -13.96 2.57
CA PHE A 292 -6.85 -15.42 2.56
C PHE A 292 -6.74 -16.00 3.97
N LEU A 293 -6.04 -15.33 4.86
CA LEU A 293 -6.00 -15.83 6.26
C LEU A 293 -7.42 -15.72 6.80
N LEU A 294 -8.06 -14.59 6.52
CA LEU A 294 -9.45 -14.45 6.97
C LEU A 294 -10.37 -15.44 6.30
N MET A 295 -10.12 -15.74 5.02
CA MET A 295 -10.97 -16.70 4.33
C MET A 295 -10.80 -18.10 4.92
N LEU A 296 -9.61 -18.41 5.44
CA LEU A 296 -9.43 -19.69 6.11
C LEU A 296 -10.19 -19.74 7.45
N LYS A 297 -10.18 -18.62 8.14
CA LYS A 297 -10.84 -18.54 9.46
C LYS A 297 -12.35 -18.51 9.34
N TYR A 298 -12.89 -18.00 8.23
CA TYR A 298 -14.34 -17.95 8.04
C TYR A 298 -14.78 -18.72 6.81
N PRO A 299 -14.74 -20.04 6.84
CA PRO A 299 -15.04 -20.83 5.65
C PRO A 299 -16.45 -20.65 5.13
N HIS A 300 -17.41 -20.30 6.00
CA HIS A 300 -18.75 -20.05 5.48
C HIS A 300 -18.81 -18.77 4.67
N VAL A 301 -17.99 -17.79 5.02
CA VAL A 301 -17.88 -16.56 4.23
C VAL A 301 -17.32 -16.90 2.85
N THR A 302 -16.24 -17.67 2.88
CA THR A 302 -15.60 -18.07 1.62
C THR A 302 -16.53 -18.88 0.74
N GLU A 303 -17.33 -19.78 1.32
CA GLU A 303 -18.35 -20.52 0.59
C GLU A 303 -19.38 -19.60 -0.08
N ARG A 304 -19.90 -18.65 0.67
CA ARG A 304 -20.83 -17.65 0.17
C ARG A 304 -20.24 -16.87 -1.01
N VAL A 305 -18.95 -16.54 -0.91
CA VAL A 305 -18.31 -15.84 -2.02
C VAL A 305 -18.28 -16.73 -3.25
N GLN A 306 -17.89 -17.99 -3.09
CA GLN A 306 -17.85 -18.93 -4.18
C GLN A 306 -19.24 -19.14 -4.77
N LYS A 307 -20.24 -19.11 -3.88
CA LYS A 307 -21.62 -19.24 -4.37
C LYS A 307 -21.97 -18.04 -5.24
N GLU A 308 -21.55 -16.86 -4.81
CA GLU A 308 -21.86 -15.66 -5.61
C GLU A 308 -21.12 -15.68 -6.93
N ILE A 309 -19.84 -16.07 -6.92
CA ILE A 309 -19.12 -16.21 -8.19
C ILE A 309 -19.86 -17.12 -9.15
N GLU A 310 -20.35 -18.25 -8.70
CA GLU A 310 -21.06 -19.25 -9.49
C GLU A 310 -22.32 -18.66 -10.13
N GLN A 311 -23.06 -17.89 -9.34
CA GLN A 311 -24.30 -17.29 -9.75
C GLN A 311 -24.11 -16.19 -10.79
N VAL A 312 -23.12 -15.34 -10.54
CA VAL A 312 -22.93 -14.20 -11.43
C VAL A 312 -21.94 -14.47 -12.56
N ILE A 313 -20.86 -15.19 -12.29
CA ILE A 313 -19.80 -15.42 -13.29
C ILE A 313 -19.87 -16.82 -13.86
N GLY A 314 -20.12 -17.83 -13.02
CA GLY A 314 -20.17 -19.22 -13.45
C GLY A 314 -18.80 -19.85 -13.41
N SER A 315 -18.60 -21.04 -13.96
CA SER A 315 -17.18 -21.39 -14.11
C SER A 315 -16.84 -20.73 -15.47
N HIS A 316 -16.55 -21.49 -16.48
CA HIS A 316 -16.60 -21.19 -17.89
C HIS A 316 -16.02 -19.87 -18.38
N ARG A 317 -15.88 -18.81 -17.59
CA ARG A 317 -15.24 -17.58 -18.05
C ARG A 317 -14.56 -16.86 -16.88
N PRO A 318 -13.48 -16.14 -17.15
CA PRO A 318 -12.78 -15.41 -16.08
C PRO A 318 -13.59 -14.25 -15.52
N PRO A 319 -13.47 -14.03 -14.22
CA PRO A 319 -14.09 -12.82 -13.66
C PRO A 319 -13.60 -11.58 -14.39
N ALA A 320 -14.44 -10.57 -14.46
CA ALA A 320 -14.21 -9.28 -15.09
C ALA A 320 -14.65 -8.18 -14.13
N LEU A 321 -14.11 -6.97 -14.29
CA LEU A 321 -14.40 -5.93 -13.31
C LEU A 321 -15.91 -5.63 -13.31
N ASP A 322 -16.54 -5.79 -14.46
CA ASP A 322 -17.96 -5.47 -14.58
C ASP A 322 -18.81 -6.40 -13.70
N ASP A 323 -18.24 -7.55 -13.31
CA ASP A 323 -18.99 -8.46 -12.44
C ASP A 323 -19.12 -7.96 -11.02
N ARG A 324 -18.28 -7.03 -10.58
CA ARG A 324 -18.28 -6.64 -9.18
C ARG A 324 -19.61 -5.98 -8.76
N ALA A 325 -20.16 -5.16 -9.65
CA ALA A 325 -21.40 -4.45 -9.42
C ALA A 325 -22.52 -5.44 -9.11
N LYS A 326 -22.44 -6.65 -9.62
CA LYS A 326 -23.42 -7.70 -9.46
C LYS A 326 -23.08 -8.62 -8.28
N MET A 327 -21.95 -8.37 -7.63
CA MET A 327 -21.50 -9.22 -6.51
C MET A 327 -21.28 -8.44 -5.26
N PRO A 328 -22.35 -7.88 -4.67
CA PRO A 328 -22.20 -7.06 -3.47
C PRO A 328 -21.67 -7.84 -2.27
N TYR A 329 -21.97 -9.13 -2.19
CA TYR A 329 -21.44 -9.88 -1.04
C TYR A 329 -19.91 -9.94 -1.12
N THR A 330 -19.45 -10.33 -2.31
CA THR A 330 -17.99 -10.41 -2.48
C THR A 330 -17.32 -9.08 -2.25
N ASP A 331 -17.93 -8.04 -2.86
CA ASP A 331 -17.47 -6.67 -2.65
C ASP A 331 -17.44 -6.29 -1.18
N ALA A 332 -18.45 -6.67 -0.40
CA ALA A 332 -18.44 -6.36 1.02
C ALA A 332 -17.30 -7.07 1.75
N VAL A 333 -17.07 -8.30 1.34
CA VAL A 333 -16.03 -9.12 1.97
C VAL A 333 -14.70 -8.40 1.73
N ILE A 334 -14.47 -7.95 0.49
CA ILE A 334 -13.20 -7.26 0.22
C ILE A 334 -13.08 -5.97 0.99
N HIS A 335 -14.16 -5.15 1.08
CA HIS A 335 -14.15 -3.98 1.93
C HIS A 335 -13.74 -4.34 3.38
N GLU A 336 -14.33 -5.42 3.87
CA GLU A 336 -14.11 -5.81 5.26
C GLU A 336 -12.65 -6.25 5.46
N ILE A 337 -12.13 -6.94 4.45
CA ILE A 337 -10.70 -7.34 4.50
C ILE A 337 -9.78 -6.14 4.59
N GLN A 338 -10.08 -5.11 3.79
CA GLN A 338 -9.29 -3.89 3.81
C GLN A 338 -9.44 -3.14 5.13
N ARG A 339 -10.67 -3.16 5.65
CA ARG A 339 -10.99 -2.45 6.88
C ARG A 339 -10.23 -3.02 8.06
N LEU A 340 -10.34 -4.34 8.22
CA LEU A 340 -9.69 -5.03 9.36
C LEU A 340 -8.21 -5.14 9.07
N GLY A 341 -7.86 -5.21 7.79
CA GLY A 341 -6.43 -5.29 7.44
C GLY A 341 -5.66 -4.05 7.85
N ASP A 342 -6.23 -2.86 7.65
CA ASP A 342 -5.71 -1.62 8.20
C ASP A 342 -4.24 -1.46 7.85
N LEU A 343 -3.92 -1.49 6.56
CA LEU A 343 -2.55 -1.57 6.07
C LEU A 343 -1.70 -0.37 6.40
N ILE A 344 -2.30 0.81 6.49
CA ILE A 344 -1.53 2.02 6.80
C ILE A 344 -2.22 2.72 7.96
N PRO A 345 -2.00 2.19 9.16
CA PRO A 345 -2.82 2.62 10.31
C PRO A 345 -2.65 4.08 10.69
N PHE A 346 -1.48 4.69 10.50
CA PHE A 346 -1.31 6.08 10.88
C PHE A 346 -1.54 7.02 9.71
N GLY A 347 -1.88 6.42 8.58
CA GLY A 347 -2.07 7.24 7.38
C GLY A 347 -0.70 7.62 6.82
N VAL A 348 -0.68 8.35 5.72
CA VAL A 348 0.59 8.97 5.28
C VAL A 348 0.54 10.41 5.77
N PRO A 349 1.55 10.93 6.44
CA PRO A 349 1.51 12.29 6.98
C PRO A 349 1.34 13.33 5.86
N HIS A 350 0.55 14.34 6.24
CA HIS A 350 0.32 15.55 5.48
C HIS A 350 1.05 16.71 6.14
N THR A 351 1.10 17.86 5.47
CA THR A 351 1.46 19.09 6.17
C THR A 351 0.38 20.12 5.83
N VAL A 352 0.11 21.08 6.71
CA VAL A 352 -0.84 22.13 6.31
C VAL A 352 -0.10 23.15 5.45
N THR A 353 -0.75 23.64 4.40
CA THR A 353 -0.11 24.51 3.42
C THR A 353 -0.02 25.95 3.90
N LYS A 354 -0.68 26.21 5.01
CA LYS A 354 -0.77 27.52 5.62
C LYS A 354 -1.33 27.43 7.05
N ASP A 355 -1.15 28.49 7.83
CA ASP A 355 -1.70 28.59 9.19
C ASP A 355 -3.15 28.14 9.19
N THR A 356 -3.49 27.11 9.96
CA THR A 356 -4.83 26.52 9.87
C THR A 356 -5.59 26.50 11.17
N GLN A 357 -6.87 26.91 11.11
CA GLN A 357 -7.63 26.87 12.38
C GLN A 357 -8.45 25.59 12.41
N PHE A 358 -8.36 24.87 13.53
CA PHE A 358 -8.98 23.57 13.61
C PHE A 358 -9.53 23.30 15.00
N ARG A 359 -10.86 23.16 15.08
CA ARG A 359 -11.56 23.03 16.35
C ARG A 359 -11.02 24.03 17.36
N GLY A 360 -10.84 25.26 16.89
CA GLY A 360 -10.38 26.37 17.69
C GLY A 360 -8.90 26.36 17.99
N TYR A 361 -8.16 25.36 17.47
CA TYR A 361 -6.73 25.54 17.68
C TYR A 361 -6.14 26.13 16.41
N VAL A 362 -4.87 26.51 16.43
CA VAL A 362 -4.19 26.93 15.20
C VAL A 362 -3.02 25.99 14.94
N ILE A 363 -2.97 25.47 13.73
CA ILE A 363 -1.92 24.59 13.24
C ILE A 363 -1.04 25.39 12.29
N PRO A 364 0.16 25.75 12.74
CA PRO A 364 1.07 26.54 11.92
C PRO A 364 1.40 25.90 10.57
N LYS A 365 1.49 26.74 9.54
CA LYS A 365 1.93 26.38 8.21
C LYS A 365 3.07 25.36 8.27
N ASN A 366 2.96 24.29 7.52
CA ASN A 366 3.95 23.26 7.33
C ASN A 366 4.08 22.32 8.53
N THR A 367 3.17 22.46 9.50
CA THR A 367 3.13 21.43 10.54
C THR A 367 2.69 20.08 9.99
N GLU A 368 3.34 19.00 10.40
CA GLU A 368 3.02 17.64 10.04
C GLU A 368 1.69 17.20 10.67
N VAL A 369 0.84 16.56 9.90
CA VAL A 369 -0.46 16.10 10.40
C VAL A 369 -0.71 14.67 10.00
N PHE A 370 -1.02 13.81 10.96
CA PHE A 370 -1.31 12.42 10.67
C PHE A 370 -2.80 12.16 10.73
N PRO A 371 -3.41 11.78 9.62
CA PRO A 371 -4.78 11.29 9.64
C PRO A 371 -4.69 9.79 9.96
N VAL A 372 -5.04 9.51 11.22
CA VAL A 372 -4.88 8.12 11.68
C VAL A 372 -6.01 7.26 11.14
N LEU A 373 -5.83 6.76 9.91
CA LEU A 373 -6.82 5.94 9.23
C LEU A 373 -7.26 4.73 10.06
N SER A 374 -6.41 4.08 10.85
CA SER A 374 -6.91 3.00 11.69
C SER A 374 -8.10 3.44 12.56
N SER A 375 -8.04 4.67 13.05
CA SER A 375 -9.09 5.13 14.00
C SER A 375 -10.41 5.41 13.31
N ALA A 376 -10.42 5.50 11.99
CA ALA A 376 -11.67 5.54 11.24
C ALA A 376 -12.15 4.13 10.88
N LEU A 377 -11.24 3.27 10.38
CA LEU A 377 -11.58 1.90 10.05
C LEU A 377 -12.09 1.10 11.26
N HIS A 378 -11.70 1.53 12.46
CA HIS A 378 -12.19 0.88 13.67
C HIS A 378 -13.12 1.82 14.46
N ASP A 379 -13.73 2.78 13.80
CA ASP A 379 -14.56 3.75 14.50
C ASP A 379 -15.91 3.18 14.88
N PRO A 380 -16.19 3.01 16.18
CA PRO A 380 -17.45 2.39 16.58
C PRO A 380 -18.65 3.26 16.22
N ARG A 381 -18.37 4.53 15.95
CA ARG A 381 -19.50 5.36 15.52
C ARG A 381 -19.96 4.91 14.15
N TYR A 382 -19.09 4.19 13.41
CA TYR A 382 -19.48 3.84 12.05
C TYR A 382 -19.53 2.35 11.79
N PHE A 383 -18.84 1.55 12.62
CA PHE A 383 -18.86 0.11 12.45
C PHE A 383 -19.32 -0.51 13.78
N GLU A 384 -20.34 -1.34 13.74
CA GLU A 384 -20.90 -1.80 15.01
C GLU A 384 -19.95 -2.72 15.77
N THR A 385 -19.12 -3.52 15.12
CA THR A 385 -18.13 -4.31 15.92
C THR A 385 -16.75 -4.14 15.27
N PRO A 386 -16.14 -3.02 15.60
CA PRO A 386 -14.88 -2.63 14.93
C PRO A 386 -13.82 -3.70 14.92
N ASN A 387 -13.78 -4.55 15.95
CA ASN A 387 -12.66 -5.50 16.04
C ASN A 387 -13.06 -6.90 15.69
N THR A 388 -14.17 -7.04 14.98
CA THR A 388 -14.66 -8.33 14.54
C THR A 388 -14.84 -8.35 13.02
N PHE A 389 -14.41 -9.41 12.38
CA PHE A 389 -14.58 -9.52 10.92
C PHE A 389 -16.05 -9.79 10.59
N ASN A 390 -16.67 -8.84 9.89
CA ASN A 390 -18.08 -9.00 9.57
C ASN A 390 -18.42 -8.25 8.26
N PRO A 391 -18.59 -9.02 7.21
CA PRO A 391 -18.94 -8.39 5.92
C PRO A 391 -20.23 -7.59 6.02
N GLY A 392 -21.14 -7.91 6.94
CA GLY A 392 -22.34 -7.16 7.19
C GLY A 392 -22.13 -5.71 7.50
N HIS A 393 -20.89 -5.30 7.84
CA HIS A 393 -20.58 -3.92 8.01
C HIS A 393 -20.75 -3.13 6.69
N PHE A 394 -20.74 -3.86 5.60
CA PHE A 394 -20.87 -3.22 4.28
C PHE A 394 -22.10 -3.71 3.54
N LEU A 395 -23.08 -4.25 4.27
CA LEU A 395 -24.23 -4.77 3.55
C LEU A 395 -25.52 -4.31 4.27
N ASP A 396 -26.52 -3.94 3.45
CA ASP A 396 -27.79 -3.65 4.13
C ASP A 396 -28.64 -4.91 4.18
N ALA A 397 -29.90 -4.68 4.63
CA ALA A 397 -30.85 -5.74 4.87
C ALA A 397 -31.31 -6.36 3.57
N ASN A 398 -31.10 -5.60 2.50
CA ASN A 398 -31.46 -6.16 1.19
C ASN A 398 -30.26 -6.89 0.59
N GLY A 399 -29.13 -6.91 1.32
CA GLY A 399 -27.99 -7.60 0.73
C GLY A 399 -27.23 -6.69 -0.23
N ALA A 400 -27.58 -5.40 -0.28
CA ALA A 400 -26.86 -4.51 -1.19
C ALA A 400 -25.65 -3.91 -0.52
N LEU A 401 -24.60 -3.61 -1.29
CA LEU A 401 -23.44 -2.96 -0.72
C LEU A 401 -23.74 -1.58 -0.15
N LYS A 402 -23.25 -1.35 1.06
CA LYS A 402 -23.45 -0.17 1.85
C LYS A 402 -22.20 0.70 1.90
N ARG A 403 -22.36 1.98 1.58
CA ARG A 403 -21.32 2.99 1.69
C ARG A 403 -21.10 3.37 3.15
N ASN A 404 -19.85 3.44 3.58
CA ASN A 404 -19.54 3.77 4.95
C ASN A 404 -18.52 4.90 5.06
N GLU A 405 -18.86 6.02 5.68
CA GLU A 405 -17.94 7.14 5.82
C GLU A 405 -16.64 6.76 6.51
N GLY A 406 -16.68 5.72 7.33
CA GLY A 406 -15.50 5.35 8.09
C GLY A 406 -14.49 4.60 7.21
N PHE A 407 -14.94 4.18 6.03
CA PHE A 407 -14.09 3.33 5.18
C PHE A 407 -13.15 4.20 4.35
N MET A 408 -11.92 4.36 4.83
CA MET A 408 -10.99 5.25 4.08
C MET A 408 -9.61 4.61 4.02
N PRO A 409 -9.50 3.38 3.56
CA PRO A 409 -8.16 2.74 3.62
C PRO A 409 -7.19 3.38 2.61
N PHE A 410 -7.75 4.09 1.64
CA PHE A 410 -6.91 4.80 0.65
C PHE A 410 -6.79 6.28 0.98
N SER A 411 -7.17 6.68 2.20
CA SER A 411 -7.24 8.06 2.63
C SER A 411 -8.40 8.78 1.91
N LEU A 412 -8.39 10.10 2.05
CA LEU A 412 -9.39 10.97 1.48
C LEU A 412 -8.87 12.36 1.14
N GLY A 413 -9.73 13.14 0.46
CA GLY A 413 -9.40 14.53 0.16
C GLY A 413 -8.66 14.65 -1.16
N LYS A 414 -7.78 15.64 -1.29
CA LYS A 414 -7.09 15.91 -2.54
C LYS A 414 -6.13 14.82 -2.96
N ARG A 415 -5.36 14.26 -2.03
CA ARG A 415 -4.38 13.25 -2.38
C ARG A 415 -4.74 11.82 -1.95
N ILE A 416 -5.91 11.35 -2.31
CA ILE A 416 -6.24 9.94 -2.12
C ILE A 416 -5.24 9.12 -2.92
N CYS A 417 -5.01 7.90 -2.47
CA CYS A 417 -4.13 6.98 -3.19
C CYS A 417 -4.32 7.01 -4.69
N LEU A 418 -3.22 7.35 -5.38
CA LEU A 418 -3.32 7.36 -6.85
C LEU A 418 -3.56 5.99 -7.43
N GLY A 419 -3.22 4.91 -6.72
CA GLY A 419 -3.43 3.56 -7.18
C GLY A 419 -4.72 2.92 -6.70
N GLU A 420 -5.65 3.70 -6.15
CA GLU A 420 -6.86 3.07 -5.53
C GLU A 420 -7.65 2.23 -6.49
N GLY A 421 -7.78 2.69 -7.75
CA GLY A 421 -8.50 1.92 -8.74
C GLY A 421 -7.78 0.64 -9.13
N ILE A 422 -6.46 0.74 -9.40
CA ILE A 422 -5.73 -0.47 -9.74
C ILE A 422 -5.77 -1.49 -8.58
N ALA A 423 -5.58 -0.96 -7.38
CA ALA A 423 -5.58 -1.79 -6.17
C ALA A 423 -6.92 -2.51 -6.01
N ARG A 424 -8.03 -1.75 -6.05
CA ARG A 424 -9.33 -2.41 -5.91
C ARG A 424 -9.60 -3.42 -6.99
N THR A 425 -9.16 -3.15 -8.24
CA THR A 425 -9.34 -4.11 -9.30
C THR A 425 -8.51 -5.36 -9.10
N GLU A 426 -7.25 -5.20 -8.65
CA GLU A 426 -6.45 -6.38 -8.32
C GLU A 426 -7.11 -7.22 -7.24
N LEU A 427 -7.53 -6.55 -6.15
CA LEU A 427 -8.21 -7.32 -5.10
C LEU A 427 -9.43 -8.09 -5.60
N PHE A 428 -10.32 -7.39 -6.34
CA PHE A 428 -11.50 -8.09 -6.84
C PHE A 428 -11.14 -9.23 -7.77
N LEU A 429 -10.29 -8.97 -8.79
CA LEU A 429 -10.03 -10.04 -9.74
C LEU A 429 -9.15 -11.15 -9.23
N PHE A 430 -8.15 -10.81 -8.39
CA PHE A 430 -7.35 -11.89 -7.81
C PHE A 430 -8.18 -12.71 -6.83
N PHE A 431 -8.94 -12.06 -5.93
CA PHE A 431 -9.73 -12.90 -5.01
C PHE A 431 -10.73 -13.79 -5.71
N THR A 432 -11.50 -13.22 -6.67
CA THR A 432 -12.48 -14.06 -7.32
C THR A 432 -11.89 -15.06 -8.30
N THR A 433 -10.80 -14.74 -9.00
CA THR A 433 -10.33 -15.76 -9.96
C THR A 433 -9.73 -16.92 -9.20
N ILE A 434 -9.07 -16.61 -8.08
CA ILE A 434 -8.53 -17.71 -7.27
C ILE A 434 -9.67 -18.59 -6.72
N LEU A 435 -10.65 -17.96 -6.06
CA LEU A 435 -11.72 -18.78 -5.48
C LEU A 435 -12.65 -19.46 -6.45
N GLN A 436 -12.78 -18.96 -7.68
CA GLN A 436 -13.52 -19.65 -8.73
C GLN A 436 -12.85 -20.98 -9.07
N ASN A 437 -11.51 -20.97 -8.99
CA ASN A 437 -10.71 -22.09 -9.44
C ASN A 437 -10.21 -22.99 -8.33
N PHE A 438 -10.25 -22.53 -7.08
CA PHE A 438 -9.70 -23.31 -5.99
C PHE A 438 -10.53 -23.17 -4.72
N SER A 439 -10.56 -24.26 -3.94
CA SER A 439 -11.00 -24.09 -2.54
C SER A 439 -9.74 -24.00 -1.69
N ILE A 440 -9.89 -23.62 -0.43
CA ILE A 440 -8.67 -23.50 0.36
C ILE A 440 -8.79 -24.26 1.68
N ALA A 441 -7.63 -24.58 2.22
CA ALA A 441 -7.58 -25.36 3.45
C ALA A 441 -6.27 -25.09 4.17
N SER A 442 -6.23 -25.34 5.48
CA SER A 442 -4.96 -25.22 6.20
C SER A 442 -4.90 -26.25 7.33
N PRO A 443 -3.73 -26.47 7.93
CA PRO A 443 -3.67 -27.39 9.07
C PRO A 443 -4.24 -26.82 10.36
N VAL A 444 -4.68 -25.57 10.42
CA VAL A 444 -5.24 -24.98 11.64
C VAL A 444 -6.75 -24.81 11.58
N PRO A 445 -7.51 -25.41 12.50
CA PRO A 445 -8.97 -25.19 12.49
C PRO A 445 -9.27 -23.70 12.66
N PRO A 446 -10.30 -23.29 11.93
CA PRO A 446 -10.72 -21.90 11.90
C PRO A 446 -10.79 -21.26 13.27
N GLU A 447 -11.41 -21.95 14.25
CA GLU A 447 -11.55 -21.26 15.54
C GLU A 447 -10.19 -21.03 16.18
N ASP A 448 -9.17 -21.79 15.74
CA ASP A 448 -7.85 -21.63 16.33
C ASP A 448 -6.98 -20.63 15.60
N ILE A 449 -7.45 -20.13 14.46
CA ILE A 449 -6.55 -19.22 13.71
C ILE A 449 -6.49 -17.86 14.37
N ASP A 450 -5.29 -17.30 14.53
CA ASP A 450 -5.13 -16.00 15.19
C ASP A 450 -4.71 -14.88 14.25
N LEU A 451 -5.61 -13.94 14.00
CA LEU A 451 -5.31 -12.89 13.03
C LEU A 451 -4.60 -11.68 13.61
N THR A 452 -4.12 -11.74 14.85
CA THR A 452 -3.56 -10.50 15.38
C THR A 452 -2.25 -10.12 14.68
N PRO A 453 -2.17 -8.85 14.31
CA PRO A 453 -0.94 -8.30 13.75
C PRO A 453 0.25 -8.67 14.64
N ARG A 454 1.07 -9.58 14.13
CA ARG A 454 2.24 -10.03 14.88
C ARG A 454 3.34 -8.99 14.78
N GLU A 455 4.52 -9.30 15.30
CA GLU A 455 5.61 -8.33 15.40
C GLU A 455 5.36 -7.40 16.59
N SER A 456 6.05 -7.77 17.71
CA SER A 456 6.16 -7.11 18.99
C SER A 456 4.84 -6.58 19.56
N GLY A 457 3.71 -7.11 19.10
CA GLY A 457 2.40 -6.65 19.51
C GLY A 457 1.99 -5.43 18.70
N VAL A 458 2.96 -4.92 17.99
CA VAL A 458 3.06 -3.76 17.14
C VAL A 458 4.50 -3.68 16.61
N GLY A 459 4.67 -3.44 15.32
CA GLY A 459 3.62 -3.09 14.41
C GLY A 459 3.02 -4.17 13.54
N ASN A 460 3.07 -3.93 12.24
CA ASN A 460 2.43 -4.69 11.19
C ASN A 460 2.79 -6.18 11.18
N VAL A 461 2.51 -6.77 10.05
CA VAL A 461 2.78 -8.15 9.70
C VAL A 461 1.62 -9.09 10.00
N PRO A 462 0.94 -9.63 8.99
CA PRO A 462 -0.02 -10.69 9.32
C PRO A 462 0.80 -11.91 9.75
N PRO A 463 0.26 -12.75 10.60
CA PRO A 463 0.96 -13.99 10.96
C PRO A 463 1.31 -14.75 9.69
N SER A 464 2.48 -15.37 9.62
CA SER A 464 2.75 -16.20 8.44
C SER A 464 1.94 -17.50 8.60
N TYR A 465 1.47 -18.05 7.48
CA TYR A 465 0.64 -19.24 7.60
C TYR A 465 0.83 -20.16 6.40
N GLN A 466 0.42 -21.41 6.56
CA GLN A 466 0.42 -22.34 5.45
C GLN A 466 -0.99 -22.47 4.87
N ILE A 467 -1.06 -22.68 3.57
CA ILE A 467 -2.34 -22.81 2.89
C ILE A 467 -2.23 -23.80 1.73
N ARG A 468 -3.31 -24.52 1.50
CA ARG A 468 -3.49 -25.39 0.36
C ARG A 468 -4.47 -24.75 -0.61
N PHE A 469 -4.16 -24.74 -1.90
CA PHE A 469 -5.17 -24.41 -2.91
C PHE A 469 -5.58 -25.71 -3.60
N LEU A 470 -6.82 -26.12 -3.39
CA LEU A 470 -7.37 -27.36 -3.93
C LEU A 470 -8.18 -27.07 -5.19
N ALA A 471 -7.73 -27.62 -6.30
CA ALA A 471 -8.34 -27.29 -7.59
C ALA A 471 -9.78 -27.77 -7.63
N ARG A 472 -10.64 -26.87 -8.07
CA ARG A 472 -12.06 -27.13 -8.22
C ARG A 472 -12.34 -27.75 -9.59
N HIS A 473 -13.53 -28.26 -9.73
CA HIS A 473 -14.14 -28.85 -10.90
C HIS A 473 -13.18 -29.09 -12.06
CHA HEM B . -0.64 6.93 -1.49
CHB HEM B . -3.06 3.38 0.43
CHC HEM B . -2.24 0.65 -3.38
CHD HEM B . 0.18 4.27 -5.27
C1A HEM B . -1.61 6.31 -0.69
C2A HEM B . -2.03 6.75 0.56
C3A HEM B . -2.63 5.67 1.18
C4A HEM B . -2.51 4.63 0.28
CMA HEM B . -3.28 5.68 2.61
CAA HEM B . -1.80 8.14 1.17
CBA HEM B . -2.71 9.22 0.65
CGA HEM B . -2.44 10.50 1.44
O1A HEM B . -3.28 10.89 2.24
O2A HEM B . -1.40 11.14 1.29
C1B HEM B . -2.87 2.22 -0.29
C2B HEM B . -3.42 0.94 0.01
C3B HEM B . -3.19 0.13 -1.11
C4B HEM B . -2.49 1.01 -2.04
CMB HEM B . -4.26 0.65 1.25
CAB HEM B . -3.59 -1.22 -1.42
CBB HEM B . -4.61 -2.12 -0.85
C1C HEM B . -1.49 1.40 -4.31
C2C HEM B . -1.08 0.87 -5.55
C3C HEM B . -0.38 1.95 -6.15
C4C HEM B . -0.32 2.98 -5.18
CMC HEM B . -1.52 -0.43 -6.25
CAC HEM B . 0.12 1.94 -7.46
CBC HEM B . 1.33 2.45 -7.98
C1D HEM B . 0.18 5.32 -4.44
C2D HEM B . 0.54 6.64 -4.79
C3D HEM B . 0.42 7.41 -3.67
C4D HEM B . -0.36 6.60 -2.80
CMD HEM B . 1.33 7.04 -6.06
CAD HEM B . 0.75 8.91 -3.47
CBD HEM B . -0.51 9.82 -3.79
CGD HEM B . -0.22 11.34 -3.69
O1D HEM B . -0.30 12.04 -4.68
O2D HEM B . 0.55 11.73 -2.79
NA HEM B . -2.00 5.03 -0.87
NB HEM B . -2.44 2.24 -1.55
NC HEM B . -1.07 2.63 -4.09
ND HEM B . -0.51 5.39 -3.32
FE HEM B . -1.49 3.82 -2.45
#